data_1M07
#
_entry.id   1M07
#
_cell.length_a   28.629
_cell.length_b   53.566
_cell.length_c   72.203
_cell.angle_alpha   90.00
_cell.angle_beta   98.31
_cell.angle_gamma   90.00
#
_symmetry.space_group_name_H-M   'P 1 21 1'
#
loop_
_entity.id
_entity.type
_entity.pdbx_description
1 polymer "5'-D(*AP*CP*GP*A)-3'"
2 polymer Ribonuclease
3 water water
#
loop_
_entity_poly.entity_id
_entity_poly.type
_entity_poly.pdbx_seq_one_letter_code
_entity_poly.pdbx_strand_id
1 'polydeoxyribonucleotide' (DA)(DC)(DG)(DA) C,D
2 'polypeptide(L)'
;(PCA)NWATFQQKHIINTPIINCNTIMDNNIYIVGGQCKRVNTFIISSATTVKAICTGVINMNVLSTTRFQLNTCTRTSI
TPRPCPYSSRTETNYICVKCENQYPVHFAGIGRCP
;
A,B
#
# COMPACT_ATOMS: atom_id res chain seq x y z
N ASN C 2 1.09 2.10 -10.79
CA ASN C 2 0.40 1.13 -11.64
C ASN C 2 1.53 0.55 -12.51
N TRP C 3 1.19 -0.41 -13.35
CA TRP C 3 2.16 -1.09 -14.21
C TRP C 3 2.87 -0.15 -15.18
N ALA C 4 2.12 0.74 -15.82
CA ALA C 4 2.73 1.69 -16.75
C ALA C 4 3.74 2.60 -16.03
N THR C 5 3.36 3.11 -14.86
CA THR C 5 4.25 3.99 -14.12
C THR C 5 5.46 3.25 -13.56
N PHE C 6 5.25 2.02 -13.10
CA PHE C 6 6.34 1.21 -12.59
C PHE C 6 7.38 0.99 -13.70
N GLN C 7 6.92 0.66 -14.90
CA GLN C 7 7.84 0.44 -16.02
C GLN C 7 8.59 1.72 -16.36
N GLN C 8 7.84 2.80 -16.45
CA GLN C 8 8.45 4.09 -16.79
C GLN C 8 9.51 4.55 -15.77
N LYS C 9 9.26 4.26 -14.50
CA LYS C 9 10.20 4.70 -13.46
C LYS C 9 11.34 3.74 -13.19
N HIS C 10 11.04 2.45 -13.26
CA HIS C 10 12.01 1.42 -12.85
C HIS C 10 12.58 0.41 -13.85
N ILE C 11 12.02 0.31 -15.05
CA ILE C 11 12.51 -0.69 -15.97
C ILE C 11 13.20 -0.08 -17.18
N ILE C 12 14.41 -0.55 -17.45
CA ILE C 12 15.15 -0.06 -18.60
C ILE C 12 15.90 -1.25 -19.22
N ASN C 13 16.07 -1.23 -20.53
CA ASN C 13 16.70 -2.35 -21.22
C ASN C 13 18.21 -2.43 -21.15
N THR C 14 18.88 -1.30 -20.89
CA THR C 14 20.33 -1.25 -20.83
C THR C 14 20.84 -0.69 -19.53
N PRO C 15 22.08 -1.03 -19.15
CA PRO C 15 22.60 -0.51 -17.89
C PRO C 15 22.75 1.00 -17.85
N ILE C 16 22.49 1.58 -16.68
CA ILE C 16 22.62 3.01 -16.46
C ILE C 16 24.10 3.34 -16.55
N ILE C 17 24.46 4.32 -17.38
CA ILE C 17 25.87 4.68 -17.46
C ILE C 17 26.12 5.94 -16.63
N ASN C 18 25.04 6.70 -16.41
CA ASN C 18 25.15 7.94 -15.63
C ASN C 18 23.85 8.26 -14.87
N CYS C 19 23.88 8.10 -13.54
CA CYS C 19 22.70 8.39 -12.73
C CYS C 19 22.27 9.85 -12.78
N ASN C 20 23.23 10.76 -12.92
CA ASN C 20 22.89 12.18 -12.97
C ASN C 20 22.00 12.49 -14.16
N THR C 21 22.36 11.96 -15.31
CA THR C 21 21.58 12.21 -16.51
C THR C 21 20.23 11.52 -16.55
N ILE C 22 20.17 10.25 -16.16
CA ILE C 22 18.90 9.53 -16.21
C ILE C 22 17.88 10.08 -15.22
N MET C 23 18.35 10.59 -14.09
CA MET C 23 17.44 11.13 -13.09
C MET C 23 16.90 12.52 -13.43
N ASP C 24 17.47 13.16 -14.46
CA ASP C 24 17.02 14.49 -14.88
C ASP C 24 15.78 14.30 -15.76
N ASN C 25 14.65 14.08 -15.11
CA ASN C 25 13.40 13.76 -15.79
C ASN C 25 12.28 14.13 -14.83
N ASN C 26 11.30 14.89 -15.33
CA ASN C 26 10.19 15.31 -14.52
C ASN C 26 9.47 14.14 -13.85
N ILE C 27 9.64 12.93 -14.37
CA ILE C 27 8.99 11.78 -13.75
C ILE C 27 9.55 11.53 -12.35
N TYR C 28 10.76 12.03 -12.08
CA TYR C 28 11.41 11.85 -10.79
C TYR C 28 11.32 13.05 -9.87
N ILE C 29 10.38 13.95 -10.15
CA ILE C 29 10.19 15.12 -9.29
C ILE C 29 8.97 14.85 -8.41
N VAL C 30 9.16 14.95 -7.10
CA VAL C 30 8.08 14.74 -6.14
C VAL C 30 8.07 15.93 -5.18
N GLY C 31 6.92 16.58 -5.06
CA GLY C 31 6.81 17.72 -4.17
C GLY C 31 7.65 18.87 -4.66
N GLY C 32 7.91 18.91 -5.96
CA GLY C 32 8.71 19.99 -6.52
C GLY C 32 10.21 19.82 -6.40
N GLN C 33 10.65 18.67 -5.91
CA GLN C 33 12.09 18.45 -5.76
C GLN C 33 12.52 17.10 -6.36
N CYS C 34 13.80 16.99 -6.69
CA CYS C 34 14.33 15.75 -7.26
C CYS C 34 14.18 14.64 -6.22
N LYS C 35 13.66 13.50 -6.65
CA LYS C 35 13.43 12.34 -5.79
C LYS C 35 14.69 11.85 -5.05
N ARG C 36 14.50 11.29 -3.87
CA ARG C 36 15.61 10.80 -3.06
C ARG C 36 16.33 9.58 -3.65
N VAL C 37 15.56 8.60 -4.10
CA VAL C 37 16.19 7.39 -4.64
C VAL C 37 15.34 6.67 -5.67
N ASN C 38 15.98 6.07 -6.67
CA ASN C 38 15.24 5.30 -7.66
C ASN C 38 16.10 4.16 -8.15
N THR C 39 15.54 2.97 -8.07
CA THR C 39 16.23 1.80 -8.55
C THR C 39 15.79 1.44 -9.93
N PHE C 40 16.77 1.22 -10.78
CA PHE C 40 16.55 0.82 -12.16
C PHE C 40 16.80 -0.68 -12.23
N ILE C 41 15.85 -1.38 -12.85
CA ILE C 41 15.94 -2.84 -13.04
C ILE C 41 16.33 -3.05 -14.51
N ILE C 42 17.52 -3.60 -14.77
CA ILE C 42 17.97 -3.80 -16.15
C ILE C 42 17.41 -5.11 -16.66
N SER C 43 16.23 -5.04 -17.25
CA SER C 43 15.54 -6.24 -17.72
C SER C 43 14.42 -5.81 -18.67
N SER C 44 13.72 -6.80 -19.19
CA SER C 44 12.59 -6.56 -20.07
C SER C 44 11.36 -6.46 -19.20
N ALA C 45 10.32 -5.80 -19.69
CA ALA C 45 9.11 -5.68 -18.92
C ALA C 45 8.50 -7.04 -18.65
N THR C 46 8.55 -7.93 -19.65
CA THR C 46 7.95 -9.25 -19.48
C THR C 46 8.56 -10.08 -18.36
N THR C 47 9.87 -9.99 -18.25
CA THR C 47 10.58 -10.73 -17.21
C THR C 47 10.28 -10.21 -15.82
N VAL C 48 10.12 -8.90 -15.70
CA VAL C 48 9.81 -8.34 -14.41
C VAL C 48 8.37 -8.65 -14.04
N LYS C 49 7.48 -8.57 -15.02
CA LYS C 49 6.08 -8.83 -14.75
C LYS C 49 5.84 -10.25 -14.29
N ALA C 50 6.68 -11.17 -14.75
CA ALA C 50 6.54 -12.58 -14.40
C ALA C 50 6.65 -12.80 -12.91
N ILE C 51 7.27 -11.86 -12.21
CA ILE C 51 7.41 -11.98 -10.76
C ILE C 51 6.01 -12.07 -10.13
N CYS C 52 5.07 -11.33 -10.72
CA CYS C 52 3.69 -11.25 -10.23
C CYS C 52 2.65 -12.21 -10.77
N THR C 53 3.06 -13.11 -11.66
CA THR C 53 2.12 -14.06 -12.22
C THR C 53 1.43 -14.88 -11.13
N GLY C 54 0.10 -14.85 -11.15
CA GLY C 54 -0.71 -15.59 -10.19
C GLY C 54 -0.95 -14.84 -8.89
N VAL C 55 -0.46 -13.60 -8.82
CA VAL C 55 -0.60 -12.81 -7.59
C VAL C 55 -1.54 -11.63 -7.76
N ILE C 56 -2.59 -11.65 -6.98
CA ILE C 56 -3.63 -10.65 -7.02
C ILE C 56 -3.39 -9.41 -6.18
N ASN C 57 -2.86 -9.58 -4.98
CA ASN C 57 -2.63 -8.44 -4.12
C ASN C 57 -1.67 -8.72 -2.95
N MET C 58 -0.37 -8.65 -3.20
CA MET C 58 0.63 -8.86 -2.16
C MET C 58 2.02 -8.46 -2.62
N ASN C 59 2.90 -8.19 -1.67
CA ASN C 59 4.30 -7.87 -2.00
C ASN C 59 4.91 -9.22 -2.29
N VAL C 60 5.69 -9.32 -3.36
CA VAL C 60 6.34 -10.58 -3.71
C VAL C 60 7.84 -10.41 -3.86
N LEU C 61 8.61 -11.31 -3.26
CA LEU C 61 10.07 -11.23 -3.40
C LEU C 61 10.38 -12.16 -4.58
N SER C 62 11.06 -11.62 -5.59
CA SER C 62 11.37 -12.40 -6.77
C SER C 62 12.18 -13.66 -6.45
N THR C 63 11.97 -14.73 -7.21
CA THR C 63 12.70 -15.97 -7.02
C THR C 63 14.03 -15.95 -7.78
N THR C 64 14.18 -15.01 -8.71
CA THR C 64 15.43 -14.90 -9.46
C THR C 64 16.01 -13.51 -9.16
N ARG C 65 17.31 -13.36 -9.34
CA ARG C 65 17.97 -12.08 -9.11
C ARG C 65 17.85 -11.23 -10.37
N PHE C 66 18.02 -9.92 -10.20
CA PHE C 66 17.96 -8.95 -11.29
C PHE C 66 19.15 -8.03 -11.23
N GLN C 67 19.58 -7.51 -12.38
CA GLN C 67 20.70 -6.57 -12.41
C GLN C 67 20.06 -5.20 -12.07
N LEU C 68 20.60 -4.56 -11.02
CA LEU C 68 20.08 -3.29 -10.53
C LEU C 68 21.08 -2.15 -10.52
N ASN C 69 20.56 -0.96 -10.78
CA ASN C 69 21.38 0.25 -10.75
C ASN C 69 20.55 1.22 -9.89
N THR C 70 21.01 1.53 -8.68
CA THR C 70 20.24 2.44 -7.83
C THR C 70 20.88 3.80 -7.79
N CYS C 71 20.08 4.82 -8.08
CA CYS C 71 20.55 6.20 -8.06
C CYS C 71 20.05 6.89 -6.80
N THR C 72 20.97 7.40 -5.99
CA THR C 72 20.65 8.07 -4.74
C THR C 72 21.10 9.54 -4.74
N ARG C 73 20.15 10.45 -4.46
CA ARG C 73 20.38 11.89 -4.45
C ARG C 73 21.43 12.25 -3.41
N THR C 74 22.43 13.07 -3.77
CA THR C 74 23.46 13.45 -2.81
C THR C 74 23.18 14.83 -2.22
N SER C 75 22.45 15.64 -2.98
CA SER C 75 22.13 16.99 -2.54
C SER C 75 20.87 17.45 -3.27
N ILE C 76 20.04 18.27 -2.61
CA ILE C 76 18.84 18.80 -3.23
C ILE C 76 19.22 20.15 -3.81
N THR C 77 19.30 20.21 -5.12
CA THR C 77 19.70 21.43 -5.81
C THR C 77 18.66 21.76 -6.85
N PRO C 78 18.85 22.88 -7.58
CA PRO C 78 17.85 23.15 -8.61
C PRO C 78 18.11 22.04 -9.62
N ARG C 79 17.09 21.63 -10.35
CA ARG C 79 17.26 20.56 -11.34
C ARG C 79 18.36 20.92 -12.34
N PRO C 80 19.22 19.96 -12.70
CA PRO C 80 19.24 18.57 -12.27
C PRO C 80 20.11 18.36 -11.01
N CYS C 81 19.62 17.50 -10.12
CA CYS C 81 20.35 17.22 -8.90
C CYS C 81 21.41 16.16 -9.10
N PRO C 82 22.41 16.13 -8.19
CA PRO C 82 23.50 15.17 -8.24
C PRO C 82 23.06 13.86 -7.59
N TYR C 83 23.45 12.75 -8.20
CA TYR C 83 23.12 11.42 -7.71
C TYR C 83 24.36 10.52 -7.65
N SER C 84 24.35 9.59 -6.71
CA SER C 84 25.44 8.64 -6.61
C SER C 84 24.80 7.33 -7.08
N SER C 85 25.63 6.41 -7.54
CA SER C 85 25.15 5.15 -8.08
C SER C 85 25.66 3.92 -7.36
N ARG C 86 24.81 2.91 -7.27
CA ARG C 86 25.18 1.65 -6.66
C ARG C 86 24.66 0.58 -7.58
N THR C 87 25.52 -0.39 -7.88
CA THR C 87 25.11 -1.48 -8.76
C THR C 87 25.22 -2.80 -8.02
N GLU C 88 24.25 -3.68 -8.25
CA GLU C 88 24.23 -5.00 -7.63
C GLU C 88 23.24 -5.90 -8.34
N THR C 89 23.37 -7.21 -8.11
CA THR C 89 22.47 -8.19 -8.69
C THR C 89 21.81 -8.80 -7.46
N ASN C 90 20.49 -8.72 -7.37
CA ASN C 90 19.78 -9.18 -6.18
C ASN C 90 18.32 -9.41 -6.47
N TYR C 91 17.67 -10.12 -5.55
CA TYR C 91 16.24 -10.36 -5.67
C TYR C 91 15.60 -9.00 -5.37
N ILE C 92 14.40 -8.78 -5.89
CA ILE C 92 13.72 -7.53 -5.64
C ILE C 92 12.30 -7.81 -5.18
N CYS C 93 11.80 -6.92 -4.34
CA CYS C 93 10.43 -7.05 -3.85
C CYS C 93 9.59 -6.01 -4.56
N VAL C 94 8.44 -6.42 -5.09
CA VAL C 94 7.52 -5.49 -5.76
C VAL C 94 6.10 -5.78 -5.29
N LYS C 95 5.25 -4.75 -5.33
CA LYS C 95 3.88 -4.96 -4.96
C LYS C 95 3.19 -5.49 -6.22
N CYS C 96 2.55 -6.64 -6.08
CA CYS C 96 1.85 -7.22 -7.20
C CYS C 96 0.36 -6.96 -7.04
N GLU C 97 -0.24 -6.28 -8.00
CA GLU C 97 -1.68 -6.03 -7.95
C GLU C 97 -2.27 -6.50 -9.29
N ASN C 98 -3.13 -7.51 -9.23
CA ASN C 98 -3.74 -8.04 -10.43
C ASN C 98 -2.67 -8.56 -11.39
N GLN C 99 -1.65 -9.19 -10.82
CA GLN C 99 -0.54 -9.76 -11.58
C GLN C 99 0.48 -8.75 -12.15
N TYR C 100 0.37 -7.48 -11.76
CA TYR C 100 1.28 -6.44 -12.26
C TYR C 100 2.11 -5.80 -11.17
N PRO C 101 3.38 -5.54 -11.46
CA PRO C 101 4.23 -4.88 -10.45
C PRO C 101 3.74 -3.43 -10.47
N VAL C 102 3.41 -2.87 -9.31
CA VAL C 102 2.90 -1.50 -9.25
C VAL C 102 3.68 -0.60 -8.30
N HIS C 103 4.71 -1.14 -7.66
CA HIS C 103 5.48 -0.36 -6.72
C HIS C 103 6.76 -1.13 -6.43
N PHE C 104 7.88 -0.43 -6.40
CA PHE C 104 9.16 -1.08 -6.10
C PHE C 104 9.27 -1.04 -4.56
N ALA C 105 9.18 -2.21 -3.93
CA ALA C 105 9.16 -2.31 -2.48
C ALA C 105 10.47 -2.59 -1.73
N GLY C 106 11.46 -3.14 -2.42
CA GLY C 106 12.71 -3.37 -1.74
C GLY C 106 13.74 -4.16 -2.51
N ILE C 107 14.97 -4.11 -2.04
CA ILE C 107 16.07 -4.84 -2.66
C ILE C 107 16.50 -5.93 -1.68
N GLY C 108 16.59 -7.18 -2.16
CA GLY C 108 17.02 -8.27 -1.30
C GLY C 108 15.95 -8.87 -0.39
N ARG C 109 14.99 -8.05 0.02
CA ARG C 109 13.93 -8.53 0.87
C ARG C 109 12.74 -7.58 0.82
N CYS C 110 11.59 -8.09 1.23
CA CYS C 110 10.40 -7.27 1.28
C CYS C 110 10.36 -6.60 2.64
N PRO C 111 9.67 -5.45 2.74
CA PRO C 111 9.61 -4.76 4.04
C PRO C 111 8.69 -5.50 5.02
N ASN D 2 -7.72 7.08 2.32
CA ASN D 2 -7.22 8.27 3.02
C ASN D 2 -7.98 8.35 4.36
N TRP D 3 -7.73 9.39 5.14
CA TRP D 3 -8.39 9.56 6.44
C TRP D 3 -9.91 9.70 6.29
N ALA D 4 -10.36 10.49 5.32
CA ALA D 4 -11.79 10.67 5.09
C ALA D 4 -12.51 9.34 4.88
N THR D 5 -11.99 8.51 3.97
CA THR D 5 -12.59 7.23 3.66
C THR D 5 -12.44 6.19 4.78
N PHE D 6 -11.31 6.21 5.45
CA PHE D 6 -11.10 5.27 6.54
C PHE D 6 -12.13 5.49 7.63
N GLN D 7 -12.36 6.76 7.94
CA GLN D 7 -13.36 7.13 8.95
C GLN D 7 -14.75 6.71 8.50
N GLN D 8 -15.13 7.14 7.30
CA GLN D 8 -16.46 6.83 6.80
C GLN D 8 -16.74 5.32 6.78
N LYS D 9 -15.75 4.53 6.41
CA LYS D 9 -15.93 3.07 6.38
C LYS D 9 -15.73 2.34 7.70
N HIS D 10 -14.76 2.76 8.50
CA HIS D 10 -14.41 2.03 9.71
C HIS D 10 -14.66 2.61 11.09
N ILE D 11 -15.03 3.87 11.19
CA ILE D 11 -15.24 4.47 12.51
C ILE D 11 -16.67 4.90 12.78
N ILE D 12 -17.18 4.45 13.92
CA ILE D 12 -18.53 4.79 14.37
C ILE D 12 -18.50 4.93 15.89
N ASN D 13 -19.29 5.86 16.41
CA ASN D 13 -19.29 6.10 17.85
C ASN D 13 -20.23 5.23 18.69
N THR D 14 -20.97 4.35 18.04
CA THR D 14 -21.90 3.48 18.76
C THR D 14 -21.90 2.08 18.15
N PRO D 15 -22.05 1.04 18.98
CA PRO D 15 -22.07 -0.36 18.52
C PRO D 15 -23.08 -0.70 17.44
N ILE D 16 -22.65 -1.52 16.49
CA ILE D 16 -23.49 -1.96 15.37
C ILE D 16 -24.54 -2.90 15.94
N ILE D 17 -25.81 -2.57 15.74
CA ILE D 17 -26.87 -3.42 16.26
C ILE D 17 -27.32 -4.40 15.18
N ASN D 18 -27.00 -4.11 13.93
CA ASN D 18 -27.40 -4.97 12.83
C ASN D 18 -26.49 -4.77 11.61
N CYS D 19 -25.61 -5.73 11.37
CA CYS D 19 -24.70 -5.64 10.24
C CYS D 19 -25.40 -5.51 8.91
N ASN D 20 -26.59 -6.10 8.77
CA ASN D 20 -27.32 -6.01 7.51
C ASN D 20 -27.70 -4.59 7.15
N THR D 21 -28.16 -3.82 8.13
CA THR D 21 -28.55 -2.45 7.86
C THR D 21 -27.37 -1.48 7.72
N ILE D 22 -26.35 -1.60 8.56
CA ILE D 22 -25.22 -0.68 8.47
C ILE D 22 -24.45 -0.85 7.16
N MET D 23 -24.39 -2.08 6.64
CA MET D 23 -23.68 -2.35 5.39
C MET D 23 -24.43 -1.94 4.12
N ASP D 24 -25.71 -1.63 4.26
CA ASP D 24 -26.50 -1.23 3.11
C ASP D 24 -26.19 0.23 2.78
N ASN D 25 -25.00 0.47 2.23
CA ASN D 25 -24.56 1.82 1.89
C ASN D 25 -23.66 1.81 0.67
N ASN D 26 -23.82 2.79 -0.21
CA ASN D 26 -23.01 2.88 -1.43
C ASN D 26 -21.51 2.73 -1.18
N ILE D 27 -21.05 3.21 -0.04
CA ILE D 27 -19.63 3.17 0.29
C ILE D 27 -19.10 1.74 0.44
N TYR D 28 -19.99 0.76 0.59
CA TYR D 28 -19.58 -0.62 0.76
C TYR D 28 -19.79 -1.46 -0.49
N ILE D 29 -20.09 -0.80 -1.60
CA ILE D 29 -20.32 -1.49 -2.85
C ILE D 29 -19.09 -1.31 -3.75
N VAL D 30 -18.32 -2.39 -3.93
CA VAL D 30 -17.12 -2.33 -4.75
C VAL D 30 -17.21 -3.33 -5.91
N GLY D 31 -16.83 -2.88 -7.10
CA GLY D 31 -16.88 -3.75 -8.26
C GLY D 31 -18.33 -4.04 -8.60
N GLY D 32 -19.22 -3.15 -8.15
CA GLY D 32 -20.63 -3.32 -8.41
C GLY D 32 -21.33 -4.23 -7.42
N GLN D 33 -20.56 -4.93 -6.59
CA GLN D 33 -21.16 -5.84 -5.63
C GLN D 33 -20.88 -5.45 -4.17
N CYS D 34 -21.73 -5.93 -3.27
CA CYS D 34 -21.56 -5.62 -1.85
C CYS D 34 -20.22 -6.19 -1.39
N LYS D 35 -19.50 -5.39 -0.61
CA LYS D 35 -18.19 -5.75 -0.07
C LYS D 35 -18.18 -7.03 0.76
N ARG D 36 -17.06 -7.76 0.70
CA ARG D 36 -16.92 -9.01 1.44
C ARG D 36 -16.89 -8.87 2.96
N VAL D 37 -16.05 -7.96 3.46
CA VAL D 37 -15.95 -7.78 4.91
C VAL D 37 -15.60 -6.36 5.31
N ASN D 38 -16.15 -5.92 6.44
CA ASN D 38 -15.83 -4.59 6.92
C ASN D 38 -15.87 -4.56 8.44
N THR D 39 -14.78 -4.10 9.02
CA THR D 39 -14.70 -3.99 10.46
C THR D 39 -15.02 -2.57 10.88
N PHE D 40 -15.87 -2.46 11.89
CA PHE D 40 -16.23 -1.16 12.44
C PHE D 40 -15.50 -1.04 13.77
N ILE D 41 -14.88 0.11 14.01
CA ILE D 41 -14.16 0.39 15.25
C ILE D 41 -15.09 1.31 16.05
N ILE D 42 -15.53 0.86 17.21
CA ILE D 42 -16.45 1.65 18.02
C ILE D 42 -15.59 2.59 18.85
N SER D 43 -15.39 3.78 18.33
CA SER D 43 -14.50 4.74 18.97
C SER D 43 -14.65 6.12 18.33
N SER D 44 -13.99 7.12 18.92
CA SER D 44 -14.01 8.46 18.36
C SER D 44 -12.88 8.51 17.35
N ALA D 45 -13.00 9.42 16.38
CA ALA D 45 -11.97 9.56 15.36
C ALA D 45 -10.61 9.91 15.98
N THR D 46 -10.61 10.71 17.03
CA THR D 46 -9.34 11.11 17.64
C THR D 46 -8.58 9.97 18.30
N THR D 47 -9.30 9.09 18.99
CA THR D 47 -8.66 7.96 19.65
C THR D 47 -8.06 6.98 18.66
N VAL D 48 -8.73 6.79 17.53
CA VAL D 48 -8.20 5.89 16.51
C VAL D 48 -7.03 6.57 15.79
N LYS D 49 -7.18 7.85 15.47
CA LYS D 49 -6.11 8.57 14.80
C LYS D 49 -4.83 8.57 15.63
N ALA D 50 -4.98 8.51 16.96
CA ALA D 50 -3.83 8.53 17.85
C ALA D 50 -2.87 7.36 17.68
N ILE D 51 -3.32 6.29 17.03
CA ILE D 51 -2.46 5.14 16.79
C ILE D 51 -1.34 5.58 15.85
N CYS D 52 -1.68 6.54 14.99
CA CYS D 52 -0.73 7.02 14.00
C CYS D 52 0.09 8.26 14.32
N THR D 53 -0.08 8.85 15.50
CA THR D 53 0.71 10.05 15.81
C THR D 53 2.20 9.73 15.75
N GLY D 54 2.93 10.55 15.02
CA GLY D 54 4.37 10.37 14.88
C GLY D 54 4.78 9.39 13.82
N VAL D 55 3.80 8.79 13.15
CA VAL D 55 4.08 7.81 12.12
C VAL D 55 3.82 8.36 10.73
N ILE D 56 4.87 8.43 9.92
CA ILE D 56 4.77 8.98 8.59
C ILE D 56 4.35 7.99 7.50
N ASN D 57 4.82 6.75 7.62
CA ASN D 57 4.48 5.71 6.65
C ASN D 57 4.85 4.35 7.19
N MET D 58 3.89 3.70 7.84
CA MET D 58 4.14 2.39 8.42
C MET D 58 2.86 1.76 8.95
N ASN D 59 2.79 0.43 8.89
CA ASN D 59 1.64 -0.28 9.44
C ASN D 59 1.95 -0.32 10.92
N VAL D 60 0.97 0.02 11.75
CA VAL D 60 1.19 0.02 13.19
C VAL D 60 0.15 -0.79 13.93
N LEU D 61 0.61 -1.62 14.85
CA LEU D 61 -0.28 -2.42 15.68
C LEU D 61 -0.53 -1.54 16.89
N SER D 62 -1.77 -1.09 17.05
CA SER D 62 -2.12 -0.24 18.18
C SER D 62 -1.62 -0.85 19.48
N THR D 63 -1.34 -0.01 20.46
CA THR D 63 -0.85 -0.49 21.75
C THR D 63 -2.01 -0.64 22.72
N THR D 64 -3.21 -0.29 22.26
CA THR D 64 -4.42 -0.38 23.08
C THR D 64 -5.52 -1.10 22.29
N ARG D 65 -6.34 -1.86 23.00
CA ARG D 65 -7.44 -2.60 22.38
C ARG D 65 -8.56 -1.66 21.93
N PHE D 66 -9.31 -2.09 20.92
CA PHE D 66 -10.45 -1.33 20.40
C PHE D 66 -11.65 -2.26 20.32
N GLN D 67 -12.84 -1.71 20.52
CA GLN D 67 -14.06 -2.53 20.44
C GLN D 67 -14.35 -2.66 18.97
N LEU D 68 -14.39 -3.90 18.48
CA LEU D 68 -14.63 -4.12 17.06
C LEU D 68 -15.90 -4.89 16.73
N ASN D 69 -16.54 -4.49 15.64
CA ASN D 69 -17.74 -5.17 15.17
C ASN D 69 -17.46 -5.45 13.70
N THR D 70 -17.17 -6.70 13.36
CA THR D 70 -16.86 -7.03 11.96
C THR D 70 -18.07 -7.64 11.28
N CYS D 71 -18.42 -7.08 10.12
CA CYS D 71 -19.55 -7.57 9.34
C CYS D 71 -19.01 -8.34 8.14
N THR D 72 -19.43 -9.60 8.00
CA THR D 72 -18.96 -10.43 6.88
C THR D 72 -20.10 -10.90 6.00
N ARG D 73 -19.96 -10.66 4.71
CA ARG D 73 -20.96 -11.06 3.71
C ARG D 73 -21.22 -12.57 3.77
N THR D 74 -22.47 -13.00 3.70
CA THR D 74 -22.75 -14.44 3.73
C THR D 74 -23.20 -14.91 2.36
N SER D 75 -23.66 -13.97 1.53
CA SER D 75 -24.10 -14.31 0.19
C SER D 75 -24.12 -13.04 -0.64
N ILE D 76 -23.81 -13.17 -1.93
CA ILE D 76 -23.81 -12.01 -2.80
C ILE D 76 -25.15 -11.99 -3.51
N THR D 77 -26.01 -11.10 -3.07
CA THR D 77 -27.36 -10.96 -3.61
C THR D 77 -27.49 -9.52 -4.07
N PRO D 78 -28.63 -9.17 -4.69
CA PRO D 78 -28.73 -7.77 -5.07
C PRO D 78 -28.90 -7.01 -3.76
N ARG D 79 -28.41 -5.78 -3.70
CA ARG D 79 -28.50 -4.97 -2.48
C ARG D 79 -29.91 -4.97 -1.90
N PRO D 80 -30.02 -5.09 -0.56
CA PRO D 80 -28.91 -5.22 0.40
C PRO D 80 -28.52 -6.69 0.66
N CYS D 81 -27.22 -6.96 0.68
CA CYS D 81 -26.76 -8.31 0.94
C CYS D 81 -26.82 -8.66 2.41
N PRO D 82 -26.85 -9.96 2.73
CA PRO D 82 -26.89 -10.41 4.12
C PRO D 82 -25.47 -10.49 4.67
N TYR D 83 -25.32 -10.09 5.94
CA TYR D 83 -24.04 -10.09 6.61
C TYR D 83 -24.12 -10.78 7.97
N SER D 84 -23.03 -11.42 8.38
CA SER D 84 -22.98 -12.04 9.70
C SER D 84 -22.15 -11.06 10.53
N SER D 85 -22.36 -11.06 11.84
CA SER D 85 -21.65 -10.15 12.72
C SER D 85 -20.74 -10.85 13.70
N ARG D 86 -19.63 -10.20 14.04
CA ARG D 86 -18.68 -10.76 14.99
C ARG D 86 -18.11 -9.60 15.80
N THR D 87 -18.07 -9.76 17.11
CA THR D 87 -17.54 -8.72 17.98
C THR D 87 -16.37 -9.26 18.78
N GLU D 88 -15.45 -8.36 19.13
CA GLU D 88 -14.30 -8.70 19.93
C GLU D 88 -13.56 -7.41 20.26
N THR D 89 -12.77 -7.45 21.32
CA THR D 89 -11.99 -6.29 21.73
C THR D 89 -10.56 -6.72 21.50
N ASN D 90 -9.85 -6.04 20.61
CA ASN D 90 -8.49 -6.45 20.30
C ASN D 90 -7.65 -5.29 19.76
N TYR D 91 -6.34 -5.51 19.69
CA TYR D 91 -5.43 -4.50 19.15
C TYR D 91 -5.65 -4.52 17.64
N ILE D 92 -5.54 -3.37 16.97
CA ILE D 92 -5.75 -3.34 15.53
C ILE D 92 -4.54 -2.80 14.75
N CYS D 93 -4.35 -3.32 13.55
CA CYS D 93 -3.25 -2.86 12.72
C CYS D 93 -3.83 -1.97 11.65
N VAL D 94 -3.26 -0.78 11.49
CA VAL D 94 -3.71 0.14 10.46
C VAL D 94 -2.50 0.70 9.76
N LYS D 95 -2.70 1.14 8.52
CA LYS D 95 -1.62 1.75 7.77
C LYS D 95 -1.64 3.22 8.15
N CYS D 96 -0.49 3.72 8.59
CA CYS D 96 -0.37 5.10 8.97
C CYS D 96 0.39 5.85 7.89
N GLU D 97 -0.22 6.93 7.40
CA GLU D 97 0.41 7.77 6.38
C GLU D 97 0.23 9.23 6.80
N ASN D 98 1.36 9.91 7.04
CA ASN D 98 1.34 11.30 7.47
C ASN D 98 0.51 11.49 8.73
N GLN D 99 0.63 10.52 9.64
CA GLN D 99 -0.05 10.52 10.92
C GLN D 99 -1.54 10.19 10.87
N TYR D 100 -2.02 9.75 9.70
CA TYR D 100 -3.43 9.39 9.54
C TYR D 100 -3.65 7.92 9.19
N PRO D 101 -4.66 7.29 9.80
CA PRO D 101 -4.96 5.89 9.49
C PRO D 101 -5.61 5.96 8.11
N VAL D 102 -5.10 5.22 7.14
CA VAL D 102 -5.67 5.27 5.79
C VAL D 102 -6.12 3.90 5.29
N HIS D 103 -5.89 2.87 6.10
CA HIS D 103 -6.27 1.53 5.72
C HIS D 103 -6.31 0.58 6.93
N PHE D 104 -7.38 -0.22 7.01
CA PHE D 104 -7.51 -1.18 8.10
C PHE D 104 -6.73 -2.42 7.65
N ALA D 105 -5.63 -2.73 8.33
CA ALA D 105 -4.76 -3.85 7.95
C ALA D 105 -4.91 -5.18 8.66
N GLY D 106 -5.55 -5.20 9.83
CA GLY D 106 -5.71 -6.45 10.54
C GLY D 106 -6.08 -6.35 12.01
N ILE D 107 -6.38 -7.50 12.59
CA ILE D 107 -6.75 -7.61 14.00
C ILE D 107 -5.81 -8.54 14.77
N GLY D 108 -5.34 -8.08 15.92
CA GLY D 108 -4.46 -8.89 16.74
C GLY D 108 -3.00 -8.76 16.36
N ARG D 109 -2.76 -8.40 15.10
CA ARG D 109 -1.40 -8.24 14.59
C ARG D 109 -1.39 -7.67 13.18
N CYS D 110 -0.22 -7.22 12.75
CA CYS D 110 -0.08 -6.66 11.41
C CYS D 110 0.32 -7.75 10.43
N PRO D 111 0.02 -7.56 9.14
CA PRO D 111 0.37 -8.55 8.13
C PRO D 111 1.87 -8.50 7.86
#